data_9UPZ
#
_entry.id   9UPZ
#
_cell.length_a   97.347
_cell.length_b   97.347
_cell.length_c   97.347
_cell.angle_alpha   90.000
_cell.angle_beta   90.000
_cell.angle_gamma   90.000
#
_symmetry.space_group_name_H-M   'P 43 3 2'
#
loop_
_entity.id
_entity.type
_entity.pdbx_description
1 polymer 'E3 ubiquitin-protein ligase KCMF1'
2 polymer ARG-THR-GLY-GLY
3 non-polymer 'ZINC ION'
4 water water
#
loop_
_entity_poly.entity_id
_entity_poly.type
_entity_poly.pdbx_seq_one_letter_code
_entity_poly.pdbx_strand_id
1 'polypeptide(L)'
;SRHEGVSCDACLKGNFRGRRYKCLICYDYDLCASCYESGATTTRHTTDHPMQCIGGGGSFTCPYCGKMGYTETSLQEHVT
SEHAETSTEVICPICAALPGGDPNHVTDDFAAHLTLEHELRARL
;
A
2 'polypeptide(L)' RTG D
#
loop_
_chem_comp.id
_chem_comp.type
_chem_comp.name
_chem_comp.formula
ZN non-polymer 'ZINC ION' 'Zn 2'
#
# COMPACT_ATOMS: atom_id res chain seq x y z
N SER A 1 3.86 0.84 0.97
CA SER A 1 2.71 1.77 1.12
C SER A 1 1.94 1.43 2.37
N ARG A 2 0.94 2.23 2.72
CA ARG A 2 0.12 1.94 3.89
C ARG A 2 -1.22 1.36 3.47
N HIS A 3 -1.75 0.48 4.30
CA HIS A 3 -3.07 -0.10 4.09
C HIS A 3 -4.12 0.77 4.77
N GLU A 4 -4.54 1.80 4.06
CA GLU A 4 -5.42 2.80 4.65
C GLU A 4 -6.75 2.17 4.97
N GLY A 5 -7.24 2.48 6.15
CA GLY A 5 -8.49 1.94 6.65
C GLY A 5 -8.44 0.53 7.19
N VAL A 6 -7.25 -0.08 7.30
CA VAL A 6 -7.10 -1.45 7.75
C VAL A 6 -6.34 -1.47 9.07
N SER A 7 -6.77 -2.31 10.00
CA SER A 7 -6.05 -2.47 11.24
C SER A 7 -5.86 -3.95 11.50
N CYS A 8 -4.75 -4.24 12.19
CA CYS A 8 -4.38 -5.60 12.53
C CYS A 8 -5.20 -6.12 13.70
N ASP A 9 -5.87 -7.25 13.50
CA ASP A 9 -6.67 -7.81 14.56
C ASP A 9 -5.87 -8.34 15.73
N ALA A 10 -4.56 -8.55 15.56
CA ALA A 10 -3.71 -9.07 16.63
C ALA A 10 -2.99 -8.00 17.43
N CYS A 11 -2.36 -7.00 16.80
CA CYS A 11 -1.66 -5.97 17.54
C CYS A 11 -2.38 -4.63 17.56
N LEU A 12 -3.47 -4.49 16.80
CA LEU A 12 -4.30 -3.29 16.76
C LEU A 12 -3.65 -2.08 16.10
N LYS A 13 -2.49 -2.22 15.46
CA LYS A 13 -1.98 -1.07 14.71
C LYS A 13 -2.79 -0.91 13.43
N GLY A 14 -2.89 0.32 12.94
CA GLY A 14 -3.69 0.58 11.77
C GLY A 14 -2.97 1.43 10.73
N ASN A 15 -3.50 1.39 9.52
CA ASN A 15 -2.87 2.05 8.39
C ASN A 15 -1.41 1.64 8.31
N PHE A 16 -1.16 0.36 8.52
CA PHE A 16 0.21 -0.11 8.67
C PHE A 16 0.89 -0.23 7.31
N ARG A 17 2.21 -0.12 7.34
CA ARG A 17 3.06 -0.31 6.18
C ARG A 17 3.40 -1.78 5.96
N GLY A 18 3.82 -2.09 4.75
CA GLY A 18 4.23 -3.44 4.42
C GLY A 18 3.07 -4.19 3.85
N ARG A 19 3.10 -5.49 3.97
CA ARG A 19 2.10 -6.34 3.34
C ARG A 19 0.99 -6.62 4.32
N ARG A 20 -0.20 -6.84 3.78
CA ARG A 20 -1.41 -7.10 4.53
C ARG A 20 -1.83 -8.52 4.25
N TYR A 21 -2.19 -9.25 5.28
CA TYR A 21 -2.66 -10.63 5.13
C TYR A 21 -4.09 -10.74 5.67
N LYS A 22 -5.00 -11.13 4.79
CA LYS A 22 -6.44 -11.22 5.09
C LYS A 22 -6.87 -12.67 5.23
N CYS A 23 -7.51 -13.01 6.36
CA CYS A 23 -8.03 -14.36 6.52
C CYS A 23 -9.21 -14.58 5.60
N LEU A 24 -9.30 -15.78 5.03
CA LEU A 24 -10.42 -16.08 4.15
C LEU A 24 -11.49 -16.91 4.83
N ILE A 25 -11.39 -17.10 6.14
CA ILE A 25 -12.37 -17.81 6.96
C ILE A 25 -13.04 -16.86 7.97
N CYS A 26 -12.23 -16.17 8.77
CA CYS A 26 -12.71 -15.20 9.75
C CYS A 26 -13.18 -13.92 9.05
N TYR A 27 -14.29 -13.38 9.53
CA TYR A 27 -14.85 -12.17 8.95
C TYR A 27 -13.99 -10.94 9.26
N ASP A 28 -13.68 -10.19 8.20
CA ASP A 28 -13.07 -8.87 8.27
C ASP A 28 -11.81 -8.94 9.15
N TYR A 29 -10.98 -9.92 8.90
CA TYR A 29 -9.87 -10.26 9.77
C TYR A 29 -8.55 -10.08 9.01
N ASP A 30 -7.69 -9.20 9.50
CA ASP A 30 -6.47 -8.83 8.82
C ASP A 30 -5.30 -8.83 9.78
N LEU A 31 -4.14 -9.24 9.28
CA LEU A 31 -2.92 -9.23 10.06
C LEU A 31 -1.87 -8.40 9.34
N CYS A 32 -1.15 -7.61 10.09
CA CYS A 32 0.06 -6.99 9.58
C CYS A 32 1.13 -8.07 9.37
N ALA A 33 2.18 -7.72 8.62
CA ALA A 33 3.16 -8.74 8.23
C ALA A 33 3.87 -9.31 9.45
N SER A 34 4.18 -8.46 10.43
CA SER A 34 4.80 -8.94 11.67
C SER A 34 3.94 -9.99 12.34
N CYS A 35 2.64 -9.74 12.49
CA CYS A 35 1.81 -10.74 13.14
C CYS A 35 1.54 -11.95 12.24
N TYR A 36 1.45 -11.77 10.93
CA TYR A 36 1.30 -12.90 10.03
C TYR A 36 2.51 -13.84 10.08
N GLU A 37 3.72 -13.28 9.94
CA GLU A 37 4.90 -14.13 9.83
C GLU A 37 5.18 -14.84 11.13
N SER A 38 4.81 -14.20 12.22
CA SER A 38 5.06 -14.71 13.55
C SER A 38 3.96 -15.63 14.08
N GLY A 39 2.96 -15.96 13.27
CA GLY A 39 1.96 -16.92 13.70
C GLY A 39 0.97 -16.39 14.71
N ALA A 40 0.70 -15.10 14.71
CA ALA A 40 -0.20 -14.54 15.71
C ALA A 40 -1.60 -15.09 15.54
N THR A 41 -2.29 -15.34 16.67
CA THR A 41 -3.65 -15.82 16.63
C THR A 41 -4.49 -15.05 17.64
N THR A 42 -5.79 -15.03 17.39
CA THR A 42 -6.78 -14.50 18.32
C THR A 42 -7.80 -15.60 18.62
N THR A 43 -8.94 -15.20 19.22
CA THR A 43 -9.91 -16.18 19.66
C THR A 43 -10.36 -17.08 18.52
N ARG A 44 -10.82 -16.51 17.41
CA ARG A 44 -11.37 -17.33 16.33
C ARG A 44 -10.35 -17.82 15.32
N HIS A 45 -9.15 -17.22 15.26
CA HIS A 45 -8.22 -17.42 14.15
C HIS A 45 -7.08 -18.36 14.55
N THR A 46 -6.72 -19.26 13.63
CA THR A 46 -5.59 -20.17 13.78
C THR A 46 -4.66 -20.02 12.59
N THR A 47 -3.41 -20.52 12.76
CA THR A 47 -2.44 -20.47 11.68
C THR A 47 -2.78 -21.40 10.54
N ASP A 48 -3.77 -22.28 10.73
CA ASP A 48 -4.26 -23.15 9.67
C ASP A 48 -5.16 -22.43 8.66
N HIS A 49 -5.73 -21.28 9.04
CA HIS A 49 -6.65 -20.59 8.16
C HIS A 49 -5.97 -20.11 6.88
N PRO A 50 -6.63 -20.22 5.74
CA PRO A 50 -6.10 -19.62 4.50
C PRO A 50 -6.03 -18.11 4.58
N MET A 51 -4.92 -17.56 4.09
CA MET A 51 -4.70 -16.12 4.08
C MET A 51 -4.34 -15.64 2.69
N GLN A 52 -4.79 -14.44 2.35
CA GLN A 52 -4.53 -13.77 1.09
C GLN A 52 -3.65 -12.56 1.35
N CYS A 53 -2.56 -12.44 0.59
CA CYS A 53 -1.70 -11.26 0.66
C CYS A 53 -2.24 -10.18 -0.25
N ILE A 54 -2.38 -8.97 0.29
CA ILE A 54 -2.96 -7.85 -0.45
C ILE A 54 -1.89 -6.78 -0.56
N GLY A 55 -1.72 -6.27 -1.77
CA GLY A 55 -0.84 -5.16 -2.04
C GLY A 55 0.51 -5.62 -2.57
N GLY A 56 1.09 -4.79 -3.40
CA GLY A 56 2.36 -5.08 -4.05
C GLY A 56 2.18 -5.47 -5.49
N GLY A 57 3.18 -5.15 -6.31
CA GLY A 57 3.08 -5.36 -7.73
C GLY A 57 2.31 -4.25 -8.42
N GLY A 58 2.09 -4.45 -9.69
CA GLY A 58 1.35 -3.48 -10.46
C GLY A 58 2.27 -2.66 -11.34
N SER A 59 1.71 -2.18 -12.45
CA SER A 59 2.36 -1.25 -13.35
C SER A 59 1.62 0.07 -13.30
N PHE A 60 2.37 1.17 -13.39
CA PHE A 60 1.82 2.49 -13.12
C PHE A 60 2.17 3.48 -14.21
N THR A 61 1.29 4.44 -14.35
CA THR A 61 1.44 5.53 -15.29
C THR A 61 2.00 6.77 -14.61
N CYS A 62 2.93 7.46 -15.28
CA CYS A 62 3.41 8.76 -14.78
C CYS A 62 2.34 9.82 -14.99
N PRO A 63 1.89 10.53 -13.94
CA PRO A 63 0.81 11.50 -14.16
C PRO A 63 1.24 12.78 -14.82
N TYR A 64 2.54 13.02 -14.94
CA TYR A 64 3.04 14.26 -15.52
C TYR A 64 3.25 14.14 -17.02
N CYS A 65 3.75 13.00 -17.50
CA CYS A 65 3.93 12.82 -18.94
C CYS A 65 3.07 11.73 -19.56
N GLY A 66 2.37 10.93 -18.78
CA GLY A 66 1.48 9.95 -19.36
C GLY A 66 2.13 8.65 -19.82
N LYS A 67 3.45 8.50 -19.71
CA LYS A 67 4.06 7.21 -20.03
C LYS A 67 3.61 6.14 -19.05
N MET A 68 3.32 4.96 -19.58
CA MET A 68 2.81 3.81 -18.85
C MET A 68 3.86 2.72 -18.65
N GLY A 69 3.58 1.83 -17.71
CA GLY A 69 4.36 0.61 -17.57
C GLY A 69 5.48 0.63 -16.56
N TYR A 70 5.50 1.58 -15.62
CA TYR A 70 6.51 1.66 -14.57
C TYR A 70 6.13 0.72 -13.41
N THR A 71 7.15 0.23 -12.70
CA THR A 71 6.88 -0.41 -11.42
C THR A 71 6.86 0.70 -10.38
N GLU A 72 6.53 0.36 -9.14
CA GLU A 72 6.64 1.37 -8.08
C GLU A 72 8.06 1.92 -7.98
N THR A 73 9.06 1.04 -8.08
CA THR A 73 10.45 1.47 -8.03
C THR A 73 10.77 2.39 -9.21
N SER A 74 10.46 1.94 -10.43
CA SER A 74 10.91 2.72 -11.60
C SER A 74 10.09 3.99 -11.76
N LEU A 75 8.83 3.99 -11.30
CA LEU A 75 8.06 5.22 -11.31
C LEU A 75 8.73 6.26 -10.44
N GLN A 76 9.12 5.86 -9.23
CA GLN A 76 9.77 6.81 -8.34
C GLN A 76 11.09 7.31 -8.91
N GLU A 77 11.89 6.41 -9.50
CA GLU A 77 13.14 6.83 -10.14
C GLU A 77 12.85 7.84 -11.25
N HIS A 78 11.83 7.57 -12.07
CA HIS A 78 11.49 8.45 -13.18
C HIS A 78 11.02 9.81 -12.70
N VAL A 79 10.09 9.83 -11.75
CA VAL A 79 9.52 11.09 -11.29
C VAL A 79 10.59 11.92 -10.59
N THR A 80 11.34 11.27 -9.68
CA THR A 80 12.34 12.01 -8.92
C THR A 80 13.46 12.52 -9.82
N SER A 81 13.66 11.90 -10.99
CA SER A 81 14.63 12.40 -11.96
C SER A 81 14.06 13.46 -12.90
N GLU A 82 12.95 13.17 -13.56
CA GLU A 82 12.48 13.99 -14.66
C GLU A 82 11.40 15.00 -14.28
N HIS A 83 10.79 14.88 -13.10
CA HIS A 83 9.70 15.79 -12.78
C HIS A 83 9.82 16.30 -11.34
N ALA A 84 11.05 16.45 -10.84
CA ALA A 84 11.22 16.74 -9.42
C ALA A 84 10.80 18.15 -9.05
N GLU A 85 10.76 19.10 -10.00
CA GLU A 85 10.32 20.48 -9.76
C GLU A 85 9.19 20.81 -10.75
N THR A 86 7.97 20.44 -10.38
CA THR A 86 6.75 20.84 -11.07
C THR A 86 5.67 20.98 -10.01
N SER A 87 4.71 21.88 -10.26
CA SER A 87 3.68 22.18 -9.28
C SER A 87 2.27 21.95 -9.80
N THR A 88 2.15 21.22 -10.90
CA THR A 88 0.83 20.83 -11.39
C THR A 88 0.21 19.83 -10.42
N GLU A 89 -1.10 19.95 -10.21
CA GLU A 89 -1.83 18.98 -9.40
C GLU A 89 -2.07 17.72 -10.21
N VAL A 90 -1.82 16.56 -9.59
CA VAL A 90 -2.07 15.26 -10.20
C VAL A 90 -2.65 14.35 -9.13
N ILE A 91 -3.13 13.21 -9.58
CA ILE A 91 -3.71 12.19 -8.70
C ILE A 91 -2.80 10.97 -8.66
N CYS A 92 -2.56 10.43 -7.45
CA CYS A 92 -1.61 9.34 -7.33
C CYS A 92 -2.17 8.01 -7.88
N PRO A 93 -1.51 7.41 -8.88
CA PRO A 93 -1.99 6.12 -9.41
C PRO A 93 -1.83 4.96 -8.46
N ILE A 94 -0.82 5.00 -7.57
CA ILE A 94 -0.58 3.88 -6.67
C ILE A 94 -1.63 3.84 -5.57
N CYS A 95 -1.90 4.98 -4.94
CA CYS A 95 -3.01 5.04 -3.98
C CYS A 95 -4.31 4.53 -4.60
N ALA A 96 -4.60 4.92 -5.84
CA ALA A 96 -5.87 4.51 -6.42
C ALA A 96 -5.92 3.01 -6.70
N ALA A 97 -4.79 2.38 -6.98
CA ALA A 97 -4.77 0.93 -7.24
C ALA A 97 -4.74 0.06 -5.98
N LEU A 98 -4.50 0.60 -4.82
CA LEU A 98 -4.41 -0.24 -3.62
C LEU A 98 -5.76 -0.29 -2.93
N PRO A 99 -6.29 -1.48 -2.63
CA PRO A 99 -7.54 -1.55 -1.88
C PRO A 99 -7.44 -0.77 -0.58
N GLY A 100 -8.47 0.02 -0.28
CA GLY A 100 -8.39 0.99 0.77
C GLY A 100 -7.78 2.31 0.31
N GLY A 101 -6.90 2.23 -0.71
CA GLY A 101 -6.23 3.34 -1.36
C GLY A 101 -7.16 4.53 -1.49
N ASP A 102 -6.68 5.72 -1.21
CA ASP A 102 -7.41 6.94 -1.58
C ASP A 102 -7.73 6.88 -3.06
N PRO A 103 -9.00 6.86 -3.47
CA PRO A 103 -9.28 6.91 -4.89
C PRO A 103 -8.83 8.21 -5.52
N ASN A 104 -8.66 9.28 -4.73
CA ASN A 104 -8.26 10.53 -5.29
C ASN A 104 -7.26 11.27 -4.39
N HIS A 105 -6.02 10.79 -4.34
CA HIS A 105 -5.01 11.53 -3.59
C HIS A 105 -4.43 12.60 -4.51
N VAL A 106 -4.92 13.83 -4.33
CA VAL A 106 -4.52 14.97 -5.15
C VAL A 106 -3.29 15.62 -4.53
N THR A 107 -2.29 15.92 -5.35
CA THR A 107 -1.05 16.43 -4.80
C THR A 107 -0.37 17.30 -5.84
N ASP A 108 0.31 18.36 -5.38
CA ASP A 108 1.13 19.17 -6.26
C ASP A 108 2.61 18.94 -6.02
N ASP A 109 2.96 17.94 -5.22
CA ASP A 109 4.34 17.46 -5.18
C ASP A 109 4.31 15.95 -5.16
N PHE A 110 4.20 15.37 -6.36
CA PHE A 110 4.12 13.92 -6.47
C PHE A 110 5.43 13.23 -6.09
N ALA A 111 6.58 13.85 -6.38
CA ALA A 111 7.84 13.22 -6.00
C ALA A 111 7.95 13.08 -4.48
N ALA A 112 7.55 14.11 -3.74
CA ALA A 112 7.55 14.02 -2.28
C ALA A 112 6.53 13.00 -1.79
N HIS A 113 5.38 12.91 -2.46
CA HIS A 113 4.37 11.92 -2.12
C HIS A 113 4.90 10.51 -2.26
N LEU A 114 5.57 10.20 -3.37
CA LEU A 114 6.16 8.87 -3.52
C LEU A 114 7.20 8.59 -2.44
N THR A 115 8.05 9.57 -2.15
CA THR A 115 9.15 9.37 -1.23
C THR A 115 8.65 9.11 0.18
N LEU A 116 7.58 9.79 0.56
CA LEU A 116 7.05 9.74 1.91
C LEU A 116 6.02 8.63 2.11
N GLU A 117 5.10 8.44 1.15
CA GLU A 117 3.99 7.50 1.32
C GLU A 117 4.14 6.19 0.55
N HIS A 118 5.15 6.03 -0.29
CA HIS A 118 5.36 4.80 -1.04
C HIS A 118 6.82 4.36 -1.01
N GLU A 119 7.41 4.30 0.19
CA GLU A 119 8.83 3.98 0.32
C GLU A 119 9.15 2.58 -0.21
N LEU A 120 10.35 2.44 -0.79
CA LEU A 120 10.69 1.22 -1.53
C LEU A 120 11.39 0.19 -0.66
N ARG A 121 10.63 -0.39 0.26
CA ARG A 121 11.12 -1.47 1.10
C ARG A 121 9.97 -2.43 1.38
N ALA A 122 10.26 -3.74 1.35
CA ALA A 122 9.19 -4.73 1.49
C ALA A 122 8.42 -4.54 2.79
N ARG A 123 9.11 -4.20 3.88
CA ARG A 123 8.42 -4.03 5.15
C ARG A 123 7.74 -2.67 5.28
N LEU A 124 7.90 -1.79 4.31
CA LEU A 124 7.31 -0.45 4.37
C LEU A 124 6.23 -0.27 3.31
N ARG B 1 -9.13 -5.95 10.26
CA ARG B 1 -10.41 -5.18 10.29
C ARG B 1 -10.35 -4.02 9.31
N THR B 2 -11.51 -3.69 8.72
CA THR B 2 -11.61 -2.55 7.84
C THR B 2 -12.73 -1.63 8.33
N GLY B 3 -12.65 -0.36 7.97
CA GLY B 3 -13.65 0.61 8.40
C GLY B 3 -13.21 1.42 9.61
ZN ZN C . -0.09 -6.83 13.86
ZN ZN D . -8.97 -16.77 10.48
ZN ZN E . 6.82 11.26 -16.55
ZN ZN F . -0.05 7.57 -3.33
#